data_4JIQ
#
_entry.id   4JIQ
#
_cell.length_a   60.150
_cell.length_b   69.980
_cell.length_c   91.990
_cell.angle_alpha   90.00
_cell.angle_beta   90.00
_cell.angle_gamma   90.00
#
_symmetry.space_group_name_H-M   'P 21 21 21'
#
loop_
_entity.id
_entity.type
_entity.pdbx_description
1 polymer 'GTN Reductase'
2 non-polymer 'FLAVIN MONONUCLEOTIDE'
3 non-polymer [(1E)-1-nitroprop-1-en-2-yl]benzene
4 non-polymer 'DIMETHYL SULFOXIDE'
5 water water
#
_entity_poly.entity_id   1
_entity_poly.type   'polypeptide(L)'
_entity_poly.pdbx_seq_one_letter_code
;MTSLFEPAQAGDIALANRIVMAPLTRNRSPGAIPNNLNATYYEQRATAGLIVTEGTPISQQGQGYADVPGLYKREAIEGW
KKITDGVHSAGGKIVAQIWHVGRISHTSLQPHGGQPVAPSAITAKSKTYIINDDGTGAFAETSEPRALTIDDIGLILEDY
RSGARAALEAGFDGVEIHAANGYLIEQFLKSSTNQRTDDYGGSIENRARFLLEVVDAVAEEIGAGRTGIRLSPVTPANDI
FEADPQPLYNYVVEQLGKRNLAFIHVVEGATGGPRDFKQGDKPFDYASFKAAYRNAGGKGLWIANNGYDRQSAIEAVESG
KVDAVAFGKAFIANPDLVRRLKNDAPLNAPNQPTFYGGGAEGYTDYPALAQHHHHHH
;
_entity_poly.pdbx_strand_id   A
#
loop_
_chem_comp.id
_chem_comp.type
_chem_comp.name
_chem_comp.formula
1L5 non-polymer [(1E)-1-nitroprop-1-en-2-yl]benzene 'C9 H9 N O2'
DMS non-polymer 'DIMETHYL SULFOXIDE' 'C2 H6 O S'
FMN non-polymer 'FLAVIN MONONUCLEOTIDE' 'C17 H21 N4 O9 P'
#
# COMPACT_ATOMS: atom_id res chain seq x y z
N THR A 2 25.12 3.29 -9.30
CA THR A 2 23.95 2.41 -9.25
C THR A 2 23.01 2.72 -10.40
N SER A 3 22.38 1.69 -10.95
CA SER A 3 21.47 1.85 -12.08
C SER A 3 20.06 1.34 -11.77
N LEU A 4 19.08 1.91 -12.47
CA LEU A 4 17.68 1.59 -12.26
C LEU A 4 17.37 0.16 -12.70
N PHE A 5 18.19 -0.38 -13.61
CA PHE A 5 17.91 -1.68 -14.19
C PHE A 5 18.74 -2.80 -13.56
N GLU A 6 19.62 -2.45 -12.62
CA GLU A 6 20.47 -3.44 -11.98
C GLU A 6 19.83 -3.98 -10.71
N PRO A 7 20.21 -5.21 -10.29
CA PRO A 7 19.53 -5.88 -9.18
C PRO A 7 19.66 -5.16 -7.84
N ALA A 8 18.71 -5.41 -6.94
CA ALA A 8 18.71 -4.79 -5.63
C ALA A 8 18.37 -5.82 -4.56
N GLN A 9 18.57 -5.46 -3.30
CA GLN A 9 18.26 -6.37 -2.19
C GLN A 9 17.37 -5.68 -1.17
N ALA A 10 16.20 -6.26 -0.92
CA ALA A 10 15.25 -5.70 0.04
C ALA A 10 14.94 -6.72 1.12
N GLY A 11 15.70 -6.68 2.21
CA GLY A 11 15.55 -7.65 3.27
C GLY A 11 15.96 -9.04 2.81
N ASP A 12 15.02 -9.98 2.88
CA ASP A 12 15.26 -11.34 2.41
C ASP A 12 14.87 -11.47 0.94
N ILE A 13 14.38 -10.37 0.36
CA ILE A 13 13.87 -10.39 -1.00
C ILE A 13 14.88 -9.81 -1.99
N ALA A 14 15.21 -10.60 -3.01
CA ALA A 14 16.11 -10.16 -4.06
C ALA A 14 15.33 -9.67 -5.27
N LEU A 15 15.67 -8.47 -5.74
CA LEU A 15 15.00 -7.87 -6.89
C LEU A 15 15.91 -7.95 -8.12
N ALA A 16 15.32 -8.34 -9.25
CA ALA A 16 16.07 -8.42 -10.51
C ALA A 16 16.48 -7.03 -10.99
N ASN A 17 15.60 -6.06 -10.80
CA ASN A 17 15.89 -4.68 -11.13
C ASN A 17 15.30 -3.72 -10.08
N ARG A 18 15.37 -2.42 -10.37
CA ARG A 18 14.93 -1.42 -9.40
C ARG A 18 13.60 -0.77 -9.76
N ILE A 19 12.92 -1.32 -10.76
CA ILE A 19 11.61 -0.80 -11.17
C ILE A 19 10.50 -1.55 -10.45
N VAL A 20 9.74 -0.82 -9.64
CA VAL A 20 8.71 -1.43 -8.80
C VAL A 20 7.31 -1.09 -9.28
N MET A 21 6.42 -2.08 -9.25
CA MET A 21 5.02 -1.85 -9.55
C MET A 21 4.31 -1.41 -8.28
N ALA A 22 3.83 -0.17 -8.29
CA ALA A 22 3.11 0.38 -7.15
C ALA A 22 1.81 -0.40 -6.93
N PRO A 23 1.30 -0.41 -5.70
CA PRO A 23 0.01 -1.05 -5.43
C PRO A 23 -1.13 -0.28 -6.10
N LEU A 24 -1.99 -1.00 -6.81
CA LEU A 24 -3.07 -0.38 -7.59
C LEU A 24 -4.37 -1.17 -7.47
N THR A 25 -5.31 -0.65 -6.69
CA THR A 25 -6.63 -1.25 -6.59
C THR A 25 -7.37 -1.14 -7.92
N ARG A 26 -7.89 -2.27 -8.42
CA ARG A 26 -8.58 -2.28 -9.71
C ARG A 26 -10.05 -2.66 -9.56
N ASN A 27 -10.42 -3.17 -8.40
CA ASN A 27 -11.78 -3.61 -8.12
C ASN A 27 -12.26 -4.67 -9.11
N ARG A 28 -11.50 -5.76 -9.23
CA ARG A 28 -11.82 -6.80 -10.20
C ARG A 28 -11.74 -8.19 -9.62
N SER A 29 -12.03 -8.31 -8.33
CA SER A 29 -12.06 -9.60 -7.64
C SER A 29 -13.36 -9.77 -6.86
N PRO A 30 -14.46 -10.10 -7.56
CA PRO A 30 -15.77 -10.31 -6.93
C PRO A 30 -15.73 -11.40 -5.87
N GLY A 31 -16.34 -11.14 -4.73
CA GLY A 31 -16.35 -12.08 -3.63
C GLY A 31 -15.07 -12.05 -2.81
N ALA A 32 -14.26 -11.01 -3.02
CA ALA A 32 -13.00 -10.83 -2.31
C ALA A 32 -12.05 -11.98 -2.58
N ILE A 33 -12.15 -12.54 -3.78
CA ILE A 33 -11.33 -13.69 -4.15
C ILE A 33 -10.64 -13.45 -5.49
N PRO A 34 -9.31 -13.64 -5.52
CA PRO A 34 -8.52 -13.51 -6.76
C PRO A 34 -8.88 -14.61 -7.75
N ASN A 35 -8.98 -14.24 -9.03
CA ASN A 35 -9.39 -15.18 -10.07
C ASN A 35 -8.39 -15.26 -11.22
N ASN A 36 -8.78 -15.96 -12.27
CA ASN A 36 -7.87 -16.22 -13.39
C ASN A 36 -7.50 -14.97 -14.18
N LEU A 37 -8.46 -14.06 -14.36
CA LEU A 37 -8.17 -12.81 -15.05
C LEU A 37 -7.16 -11.99 -14.28
N ASN A 38 -7.25 -12.04 -12.95
CA ASN A 38 -6.28 -11.37 -12.09
C ASN A 38 -4.88 -11.98 -12.23
N ALA A 39 -4.83 -13.30 -12.40
CA ALA A 39 -3.56 -14.00 -12.55
C ALA A 39 -2.84 -13.57 -13.82
N THR A 40 -3.58 -13.52 -14.92
CA THR A 40 -3.04 -13.09 -16.21
C THR A 40 -2.48 -11.67 -16.12
N TYR A 41 -3.24 -10.80 -15.47
CA TYR A 41 -2.89 -9.40 -15.31
C TYR A 41 -1.56 -9.21 -14.55
N TYR A 42 -1.37 -9.98 -13.48
CA TYR A 42 -0.13 -9.92 -12.71
C TYR A 42 1.04 -10.60 -13.41
N GLU A 43 0.77 -11.72 -14.08
CA GLU A 43 1.80 -12.44 -14.81
C GLU A 43 2.38 -11.64 -15.98
N GLN A 44 1.54 -10.82 -16.61
CA GLN A 44 1.97 -9.94 -17.69
C GLN A 44 3.05 -8.97 -17.22
N ARG A 45 3.01 -8.63 -15.94
CA ARG A 45 3.88 -7.60 -15.38
C ARG A 45 5.01 -8.17 -14.52
N ALA A 46 5.24 -9.47 -14.64
CA ALA A 46 6.21 -10.18 -13.83
C ALA A 46 7.67 -9.77 -14.05
N THR A 47 7.93 -9.00 -15.11
CA THR A 47 9.29 -8.53 -15.38
C THR A 47 9.75 -7.45 -14.40
N ALA A 48 8.81 -6.90 -13.64
CA ALA A 48 9.13 -5.92 -12.62
C ALA A 48 10.05 -6.52 -11.56
N GLY A 49 10.93 -5.70 -11.00
CA GLY A 49 11.85 -6.15 -9.97
C GLY A 49 11.08 -6.59 -8.73
N LEU A 50 10.03 -5.84 -8.42
CA LEU A 50 9.13 -6.20 -7.35
C LEU A 50 7.71 -5.76 -7.69
N ILE A 51 6.76 -6.68 -7.50
CA ILE A 51 5.35 -6.32 -7.66
C ILE A 51 4.70 -6.14 -6.31
N VAL A 52 4.14 -4.96 -6.08
CA VAL A 52 3.34 -4.74 -4.88
C VAL A 52 1.88 -4.84 -5.29
N THR A 53 1.18 -5.83 -4.74
CA THR A 53 -0.21 -6.06 -5.09
C THR A 53 -1.09 -4.90 -4.65
N GLU A 54 -2.31 -4.87 -5.20
CA GLU A 54 -3.31 -3.92 -4.75
C GLU A 54 -3.61 -4.17 -3.28
N GLY A 55 -4.12 -3.16 -2.59
CA GLY A 55 -4.45 -3.27 -1.19
C GLY A 55 -5.35 -4.46 -0.92
N THR A 56 -4.93 -5.31 0.01
CA THR A 56 -5.69 -6.50 0.37
CA THR A 56 -5.65 -6.51 0.37
C THR A 56 -5.97 -6.53 1.85
N PRO A 57 -7.26 -6.35 2.21
CA PRO A 57 -7.73 -6.32 3.60
C PRO A 57 -7.44 -7.59 4.38
N ILE A 58 -7.01 -7.44 5.62
CA ILE A 58 -6.69 -8.57 6.48
C ILE A 58 -7.96 -9.21 7.04
N SER A 59 -9.06 -8.47 6.96
CA SER A 59 -10.35 -8.97 7.42
C SER A 59 -11.47 -8.22 6.71
N GLN A 60 -12.70 -8.71 6.86
CA GLN A 60 -13.85 -8.05 6.28
C GLN A 60 -14.02 -6.65 6.87
N GLN A 61 -13.71 -6.53 8.16
CA GLN A 61 -13.75 -5.24 8.84
C GLN A 61 -12.80 -4.24 8.18
N GLY A 62 -11.70 -4.76 7.63
CA GLY A 62 -10.71 -3.94 6.97
C GLY A 62 -11.08 -3.55 5.56
N GLN A 63 -12.16 -4.15 5.03
CA GLN A 63 -12.63 -3.83 3.68
C GLN A 63 -13.31 -2.47 3.63
N GLY A 64 -13.10 -1.75 2.53
CA GLY A 64 -13.70 -0.44 2.36
C GLY A 64 -14.24 -0.18 0.96
N TYR A 65 -14.08 -1.15 0.06
CA TYR A 65 -14.60 -1.02 -1.30
C TYR A 65 -15.09 -2.36 -1.84
N ALA A 66 -15.96 -2.31 -2.85
CA ALA A 66 -16.50 -3.52 -3.45
C ALA A 66 -15.54 -4.20 -4.43
N ASP A 67 -15.63 -5.53 -4.51
CA ASP A 67 -14.82 -6.35 -5.42
C ASP A 67 -13.31 -6.26 -5.18
N VAL A 68 -12.93 -6.10 -3.93
CA VAL A 68 -11.51 -6.06 -3.56
C VAL A 68 -11.05 -7.37 -2.94
N PRO A 69 -9.98 -7.96 -3.48
CA PRO A 69 -9.45 -9.26 -3.00
C PRO A 69 -8.94 -9.18 -1.57
N GLY A 70 -9.26 -10.19 -0.76
CA GLY A 70 -8.88 -10.20 0.64
C GLY A 70 -7.94 -11.34 0.98
N LEU A 71 -7.57 -11.44 2.25
CA LEU A 71 -6.75 -12.53 2.76
C LEU A 71 -7.45 -13.28 3.87
N TYR A 72 -8.75 -13.04 4.02
CA TYR A 72 -9.51 -13.63 5.12
C TYR A 72 -10.33 -14.86 4.70
N LYS A 73 -10.10 -15.33 3.47
CA LYS A 73 -10.80 -16.50 2.95
C LYS A 73 -9.82 -17.57 2.47
N ARG A 74 -10.19 -18.84 2.65
CA ARG A 74 -9.39 -19.94 2.15
C ARG A 74 -9.27 -19.88 0.64
N GLU A 75 -10.41 -19.60 -0.01
CA GLU A 75 -10.47 -19.49 -1.46
C GLU A 75 -9.60 -18.34 -1.95
N ALA A 76 -9.52 -17.29 -1.13
CA ALA A 76 -8.74 -16.11 -1.48
C ALA A 76 -7.25 -16.42 -1.43
N ILE A 77 -6.85 -17.22 -0.45
CA ILE A 77 -5.47 -17.66 -0.32
C ILE A 77 -5.08 -18.56 -1.49
N GLU A 78 -6.00 -19.44 -1.88
CA GLU A 78 -5.78 -20.33 -3.03
C GLU A 78 -5.67 -19.53 -4.32
N GLY A 79 -6.55 -18.53 -4.47
CA GLY A 79 -6.49 -17.64 -5.61
C GLY A 79 -5.18 -16.89 -5.70
N TRP A 80 -4.69 -16.44 -4.54
CA TRP A 80 -3.42 -15.73 -4.47
C TRP A 80 -2.23 -16.66 -4.76
N LYS A 81 -2.39 -17.94 -4.43
CA LYS A 81 -1.31 -18.92 -4.63
C LYS A 81 -1.05 -19.14 -6.12
N LYS A 82 -2.12 -19.08 -6.92
CA LYS A 82 -2.00 -19.21 -8.36
C LYS A 82 -1.24 -18.02 -8.95
N ILE A 83 -1.51 -16.83 -8.42
CA ILE A 83 -0.88 -15.62 -8.91
C ILE A 83 0.60 -15.57 -8.57
N THR A 84 0.95 -15.88 -7.31
CA THR A 84 2.35 -15.86 -6.90
C THR A 84 3.15 -16.97 -7.60
N ASP A 85 2.48 -18.07 -7.90
CA ASP A 85 3.10 -19.14 -8.67
C ASP A 85 3.43 -18.66 -10.08
N GLY A 86 2.47 -17.99 -10.71
CA GLY A 86 2.66 -17.45 -12.04
C GLY A 86 3.78 -16.43 -12.09
N VAL A 87 3.79 -15.51 -11.13
CA VAL A 87 4.81 -14.48 -11.07
C VAL A 87 6.20 -15.07 -10.81
N HIS A 88 6.27 -16.04 -9.91
CA HIS A 88 7.54 -16.70 -9.60
C HIS A 88 8.10 -17.49 -10.77
N SER A 89 7.23 -18.12 -11.55
CA SER A 89 7.65 -18.91 -12.71
C SER A 89 8.33 -18.05 -13.77
N ALA A 90 7.89 -16.80 -13.88
CA ALA A 90 8.48 -15.85 -14.82
C ALA A 90 9.72 -15.19 -14.22
N GLY A 91 10.05 -15.54 -12.99
CA GLY A 91 11.22 -15.02 -12.31
C GLY A 91 10.99 -13.72 -11.56
N GLY A 92 9.73 -13.37 -11.35
CA GLY A 92 9.39 -12.13 -10.65
C GLY A 92 9.29 -12.28 -9.15
N LYS A 93 9.20 -11.14 -8.46
CA LYS A 93 9.02 -11.11 -7.01
C LYS A 93 7.77 -10.32 -6.63
N ILE A 94 7.00 -10.84 -5.68
CA ILE A 94 5.72 -10.22 -5.32
C ILE A 94 5.47 -10.13 -3.81
N VAL A 95 5.00 -8.97 -3.37
CA VAL A 95 4.63 -8.75 -1.97
C VAL A 95 3.16 -8.33 -1.85
N ALA A 96 2.52 -8.76 -0.78
CA ALA A 96 1.12 -8.43 -0.55
C ALA A 96 1.01 -7.15 0.28
N GLN A 97 0.16 -6.22 -0.17
CA GLN A 97 -0.08 -5.03 0.63
C GLN A 97 -1.28 -5.28 1.56
N ILE A 98 -0.98 -5.67 2.79
CA ILE A 98 -2.03 -5.95 3.76
C ILE A 98 -2.69 -4.64 4.21
N TRP A 99 -4.01 -4.66 4.29
CA TRP A 99 -4.77 -3.41 4.33
C TRP A 99 -5.82 -3.39 5.44
N HIS A 100 -6.02 -2.21 6.02
CA HIS A 100 -7.19 -1.94 6.85
C HIS A 100 -7.61 -0.49 6.60
N VAL A 101 -8.84 -0.32 6.10
CA VAL A 101 -9.33 1.00 5.70
C VAL A 101 -9.68 1.94 6.87
N GLY A 102 -10.08 1.37 7.99
CA GLY A 102 -10.51 2.18 9.12
C GLY A 102 -11.86 2.82 8.88
N ARG A 103 -11.93 4.14 9.04
CA ARG A 103 -13.20 4.86 8.90
C ARG A 103 -13.68 4.96 7.44
N ILE A 104 -12.80 4.66 6.50
CA ILE A 104 -13.14 4.75 5.09
C ILE A 104 -13.81 3.46 4.61
N SER A 105 -15.09 3.32 4.93
CA SER A 105 -15.84 2.10 4.60
C SER A 105 -17.34 2.36 4.64
N HIS A 106 -18.12 1.30 4.45
CA HIS A 106 -19.57 1.38 4.51
C HIS A 106 -20.13 0.20 5.31
N THR A 107 -21.33 0.38 5.86
CA THR A 107 -21.95 -0.65 6.69
C THR A 107 -22.21 -1.96 5.95
N SER A 108 -22.55 -1.87 4.67
CA SER A 108 -22.85 -3.05 3.86
C SER A 108 -21.63 -3.97 3.69
N LEU A 109 -20.44 -3.37 3.67
CA LEU A 109 -19.19 -4.10 3.55
C LEU A 109 -18.75 -4.71 4.88
N GLN A 110 -19.19 -4.10 5.97
CA GLN A 110 -18.79 -4.53 7.30
C GLN A 110 -19.54 -5.79 7.75
N PRO A 111 -18.93 -6.58 8.65
CA PRO A 111 -19.60 -7.75 9.22
C PRO A 111 -20.78 -7.33 10.11
N HIS A 112 -21.86 -8.09 10.05
CA HIS A 112 -23.06 -7.81 10.84
C HIS A 112 -23.65 -6.42 10.54
N GLY A 113 -23.25 -5.84 9.42
CA GLY A 113 -23.66 -4.48 9.07
C GLY A 113 -23.15 -3.44 10.06
N GLY A 114 -22.00 -3.72 10.66
CA GLY A 114 -21.44 -2.85 11.69
C GLY A 114 -20.91 -1.52 11.18
N GLN A 115 -20.59 -0.65 12.14
CA GLN A 115 -19.96 0.64 11.84
C GLN A 115 -18.48 0.41 11.57
N PRO A 116 -17.91 1.18 10.63
CA PRO A 116 -16.46 1.16 10.42
C PRO A 116 -15.75 1.54 11.72
N VAL A 117 -14.50 1.09 11.89
CA VAL A 117 -13.79 1.37 13.13
C VAL A 117 -12.67 2.37 12.93
N ALA A 118 -12.38 3.15 13.96
CA ALA A 118 -11.40 4.22 13.86
C ALA A 118 -10.88 4.56 15.26
N PRO A 119 -9.74 5.28 15.33
CA PRO A 119 -9.23 5.78 16.60
C PRO A 119 -10.24 6.64 17.33
N SER A 120 -10.89 7.54 16.58
CA SER A 120 -11.95 8.39 17.13
C SER A 120 -13.18 8.28 16.24
N ALA A 121 -14.35 8.55 16.82
CA ALA A 121 -15.59 8.44 16.08
C ALA A 121 -15.89 9.72 15.30
N ILE A 122 -15.12 9.95 14.23
CA ILE A 122 -15.31 11.11 13.37
C ILE A 122 -15.57 10.67 11.93
N THR A 123 -16.73 11.04 11.40
CA THR A 123 -17.10 10.64 10.04
C THR A 123 -16.26 11.37 8.99
N ALA A 124 -15.95 10.68 7.91
CA ALA A 124 -15.14 11.26 6.83
C ALA A 124 -16.00 11.68 5.64
N LYS A 125 -15.59 12.76 4.98
CA LYS A 125 -16.22 13.19 3.75
C LYS A 125 -15.58 12.46 2.59
N SER A 126 -15.95 11.19 2.41
CA SER A 126 -15.33 10.35 1.38
C SER A 126 -16.34 9.47 0.68
N LYS A 127 -15.88 8.78 -0.38
CA LYS A 127 -16.74 7.93 -1.19
C LYS A 127 -16.30 6.47 -1.19
N THR A 128 -17.21 5.58 -1.56
CA THR A 128 -17.00 4.15 -1.51
C THR A 128 -17.64 3.49 -2.73
N TYR A 129 -17.11 2.34 -3.14
CA TYR A 129 -17.77 1.50 -4.14
C TYR A 129 -18.64 0.48 -3.44
N ILE A 130 -19.95 0.52 -3.69
CA ILE A 130 -20.85 -0.48 -3.13
C ILE A 130 -21.62 -1.22 -4.22
N ILE A 131 -21.38 -2.53 -4.31
CA ILE A 131 -21.99 -3.32 -5.36
C ILE A 131 -23.49 -3.50 -5.11
N ASN A 132 -24.25 -3.52 -6.20
CA ASN A 132 -25.70 -3.56 -6.14
C ASN A 132 -26.28 -4.83 -6.77
N ASP A 133 -26.40 -5.87 -5.94
CA ASP A 133 -26.86 -7.20 -6.36
C ASP A 133 -25.88 -7.94 -7.29
N ASP A 134 -25.64 -7.40 -8.48
CA ASP A 134 -24.86 -8.12 -9.50
C ASP A 134 -23.75 -7.39 -10.28
N GLY A 135 -23.93 -6.14 -10.73
CA GLY A 135 -25.07 -5.28 -10.45
C GLY A 135 -25.48 -4.33 -11.58
N THR A 136 -25.00 -3.08 -11.60
CA THR A 136 -24.21 -2.48 -10.53
C THR A 136 -24.81 -1.13 -10.08
N GLY A 137 -24.35 -0.63 -8.92
CA GLY A 137 -24.82 0.65 -8.39
C GLY A 137 -23.65 1.55 -8.07
N ALA A 138 -22.97 1.24 -6.97
CA ALA A 138 -21.74 1.93 -6.55
C ALA A 138 -21.95 3.36 -6.06
N PHE A 139 -20.88 3.94 -5.51
CA PHE A 139 -20.83 5.34 -5.09
C PHE A 139 -21.77 5.72 -3.94
N ALA A 140 -21.20 5.82 -2.74
CA ALA A 140 -21.94 6.19 -1.55
C ALA A 140 -21.01 6.87 -0.53
N GLU A 141 -21.59 7.63 0.39
CA GLU A 141 -20.81 8.27 1.43
C GLU A 141 -20.31 7.24 2.44
N THR A 142 -19.13 7.48 3.00
CA THR A 142 -18.58 6.60 4.02
C THR A 142 -19.43 6.69 5.28
N SER A 143 -19.59 5.55 5.96
CA SER A 143 -20.48 5.48 7.12
C SER A 143 -19.88 6.10 8.38
N GLU A 144 -20.75 6.36 9.35
CA GLU A 144 -20.38 6.84 10.66
C GLU A 144 -19.60 5.76 11.40
N PRO A 145 -18.39 6.09 11.87
CA PRO A 145 -17.54 5.10 12.54
C PRO A 145 -17.74 5.02 14.05
N ARG A 146 -17.25 3.96 14.66
CA ARG A 146 -17.22 3.86 16.12
C ARG A 146 -15.78 3.86 16.60
N ALA A 147 -15.56 4.38 17.81
CA ALA A 147 -14.21 4.48 18.35
C ALA A 147 -13.73 3.13 18.89
N LEU A 148 -12.46 2.82 18.64
CA LEU A 148 -11.87 1.56 19.04
C LEU A 148 -11.53 1.50 20.53
N THR A 149 -11.92 0.41 21.18
CA THR A 149 -11.51 0.14 22.56
C THR A 149 -10.15 -0.53 22.55
N ILE A 150 -9.54 -0.64 23.72
CA ILE A 150 -8.23 -1.27 23.88
C ILE A 150 -8.24 -2.73 23.44
N ASP A 151 -9.32 -3.44 23.79
CA ASP A 151 -9.51 -4.82 23.37
C ASP A 151 -9.65 -4.94 21.85
N ASP A 152 -10.32 -3.98 21.23
CA ASP A 152 -10.50 -3.96 19.79
C ASP A 152 -9.17 -3.89 19.06
N ILE A 153 -8.27 -3.05 19.55
CA ILE A 153 -6.95 -2.88 18.94
C ILE A 153 -6.14 -4.16 18.99
N GLY A 154 -6.23 -4.88 20.11
CA GLY A 154 -5.54 -6.15 20.25
C GLY A 154 -6.02 -7.17 19.24
N LEU A 155 -7.31 -7.12 18.94
CA LEU A 155 -7.92 -8.02 17.97
C LEU A 155 -7.53 -7.67 16.54
N ILE A 156 -7.32 -6.39 16.27
CA ILE A 156 -6.88 -5.95 14.95
C ILE A 156 -5.40 -6.30 14.74
N LEU A 157 -4.62 -6.18 15.80
CA LEU A 157 -3.22 -6.62 15.76
C LEU A 157 -3.15 -8.11 15.47
N GLU A 158 -4.08 -8.86 16.04
CA GLU A 158 -4.15 -10.30 15.81
C GLU A 158 -4.57 -10.60 14.37
N ASP A 159 -5.44 -9.77 13.82
CA ASP A 159 -5.85 -9.92 12.43
C ASP A 159 -4.69 -9.60 11.48
N TYR A 160 -3.81 -8.68 11.88
CA TYR A 160 -2.60 -8.40 11.12
C TYR A 160 -1.64 -9.60 11.13
N ARG A 161 -1.55 -10.28 12.27
CA ARG A 161 -0.73 -11.49 12.37
C ARG A 161 -1.22 -12.60 11.43
N SER A 162 -2.54 -12.77 11.37
CA SER A 162 -3.13 -13.79 10.50
C SER A 162 -2.92 -13.44 9.03
N GLY A 163 -3.04 -12.16 8.70
CA GLY A 163 -2.86 -11.69 7.34
C GLY A 163 -1.45 -11.92 6.84
N ALA A 164 -0.48 -11.66 7.71
CA ALA A 164 0.93 -11.92 7.38
C ALA A 164 1.17 -13.42 7.19
N ARG A 165 0.58 -14.23 8.04
CA ARG A 165 0.68 -15.69 7.91
C ARG A 165 0.02 -16.17 6.63
N ALA A 166 -1.15 -15.60 6.34
CA ALA A 166 -1.91 -15.97 5.15
C ALA A 166 -1.13 -15.66 3.88
N ALA A 167 -0.39 -14.56 3.91
CA ALA A 167 0.40 -14.13 2.76
C ALA A 167 1.50 -15.12 2.40
N LEU A 168 2.23 -15.60 3.41
CA LEU A 168 3.27 -16.59 3.19
C LEU A 168 2.67 -17.92 2.73
N GLU A 169 1.52 -18.26 3.30
CA GLU A 169 0.80 -19.47 2.89
C GLU A 169 0.33 -19.34 1.44
N ALA A 170 0.09 -18.11 1.01
CA ALA A 170 -0.30 -17.82 -0.37
C ALA A 170 0.91 -17.68 -1.29
N GLY A 171 2.10 -17.94 -0.74
CA GLY A 171 3.32 -17.97 -1.53
C GLY A 171 3.94 -16.62 -1.82
N PHE A 172 3.55 -15.60 -1.08
CA PHE A 172 4.14 -14.28 -1.24
C PHE A 172 5.56 -14.24 -0.68
N ASP A 173 6.40 -13.40 -1.30
CA ASP A 173 7.77 -13.23 -0.83
C ASP A 173 7.83 -12.38 0.44
N GLY A 174 6.79 -11.59 0.66
CA GLY A 174 6.71 -10.73 1.82
C GLY A 174 5.43 -9.92 1.84
N VAL A 175 5.30 -9.02 2.82
CA VAL A 175 4.13 -8.15 2.89
C VAL A 175 4.54 -6.69 2.92
N GLU A 176 3.63 -5.82 2.48
CA GLU A 176 3.82 -4.39 2.63
C GLU A 176 2.69 -3.84 3.50
N ILE A 177 3.03 -3.41 4.71
CA ILE A 177 2.03 -2.83 5.61
C ILE A 177 1.52 -1.52 5.04
N HIS A 178 0.22 -1.43 4.84
CA HIS A 178 -0.40 -0.22 4.30
C HIS A 178 -0.63 0.80 5.41
N ALA A 179 0.22 1.83 5.46
CA ALA A 179 0.10 2.86 6.49
C ALA A 179 -0.01 4.24 5.84
N ALA A 180 -0.62 4.29 4.67
CA ALA A 180 -0.67 5.51 3.87
C ALA A 180 -2.08 5.89 3.44
N ASN A 181 -2.20 7.04 2.77
CA ASN A 181 -3.44 7.49 2.13
C ASN A 181 -4.66 7.57 3.03
N GLY A 182 -4.44 7.89 4.31
CA GLY A 182 -5.52 8.23 5.22
C GLY A 182 -6.34 7.06 5.73
N TYR A 183 -5.74 5.88 5.82
CA TYR A 183 -6.45 4.71 6.30
C TYR A 183 -6.18 4.46 7.78
N LEU A 184 -6.52 3.26 8.26
CA LEU A 184 -6.54 2.99 9.71
C LEU A 184 -5.29 3.44 10.48
N ILE A 185 -4.11 3.03 10.03
CA ILE A 185 -2.87 3.44 10.68
C ILE A 185 -2.65 4.96 10.58
N GLU A 186 -2.93 5.53 9.41
CA GLU A 186 -2.83 6.97 9.24
C GLU A 186 -3.79 7.72 10.15
N GLN A 187 -4.95 7.10 10.40
CA GLN A 187 -5.96 7.69 11.26
C GLN A 187 -5.47 7.85 12.69
N PHE A 188 -4.62 6.92 13.13
CA PHE A 188 -3.99 7.00 14.44
C PHE A 188 -2.87 8.04 14.45
N LEU A 189 -2.12 8.09 13.35
CA LEU A 189 -0.95 8.95 13.26
C LEU A 189 -1.28 10.44 13.25
N LYS A 190 -2.23 10.83 12.41
CA LYS A 190 -2.51 12.24 12.19
C LYS A 190 -3.46 12.84 13.24
N SER A 191 -3.27 14.12 13.51
CA SER A 191 -4.00 14.83 14.55
C SER A 191 -5.51 14.97 14.31
N SER A 192 -5.90 15.25 13.07
CA SER A 192 -7.30 15.52 12.74
C SER A 192 -8.22 14.33 13.00
N THR A 193 -7.68 13.12 12.90
CA THR A 193 -8.46 11.89 13.08
C THR A 193 -8.33 11.32 14.50
N ASN A 194 -7.23 11.61 15.17
CA ASN A 194 -6.96 11.05 16.49
C ASN A 194 -7.20 12.04 17.63
N GLN A 195 -8.32 11.89 18.32
CA GLN A 195 -8.63 12.74 19.47
C GLN A 195 -8.73 11.89 20.74
N ARG A 196 -8.04 10.76 20.75
CA ARG A 196 -8.07 9.84 21.89
C ARG A 196 -7.43 10.45 23.12
N THR A 197 -7.82 9.94 24.29
CA THR A 197 -7.31 10.44 25.57
C THR A 197 -6.48 9.39 26.31
N ASP A 198 -6.16 8.30 25.64
CA ASP A 198 -5.36 7.23 26.26
C ASP A 198 -3.94 7.13 25.67
N ASP A 199 -3.34 5.95 25.80
CA ASP A 199 -1.96 5.74 25.38
C ASP A 199 -1.75 5.84 23.86
N TYR A 200 -2.84 5.90 23.10
CA TYR A 200 -2.75 5.99 21.65
C TYR A 200 -3.03 7.40 21.13
N GLY A 201 -3.24 8.35 22.04
CA GLY A 201 -3.57 9.71 21.64
C GLY A 201 -2.73 10.77 22.32
N GLY A 202 -2.71 11.96 21.73
CA GLY A 202 -1.97 13.08 22.31
C GLY A 202 -0.60 13.26 21.70
N SER A 203 0.42 12.78 22.41
CA SER A 203 1.81 12.97 22.01
C SER A 203 2.15 12.20 20.74
N ILE A 204 3.23 12.62 20.09
CA ILE A 204 3.74 11.95 18.89
C ILE A 204 4.07 10.49 19.18
N GLU A 205 4.67 10.24 20.35
CA GLU A 205 4.99 8.89 20.77
C GLU A 205 3.73 8.06 20.94
N ASN A 206 2.67 8.68 21.46
CA ASN A 206 1.40 7.98 21.66
C ASN A 206 0.68 7.73 20.34
N ARG A 207 0.78 8.67 19.40
CA ARG A 207 0.11 8.53 18.11
C ARG A 207 0.80 7.50 17.21
N ALA A 208 2.11 7.36 17.38
CA ALA A 208 2.89 6.44 16.56
C ALA A 208 2.81 5.00 17.07
N ARG A 209 2.25 4.83 18.26
CA ARG A 209 2.25 3.54 18.96
C ARG A 209 1.58 2.41 18.17
N PHE A 210 0.45 2.70 17.55
CA PHE A 210 -0.30 1.69 16.83
C PHE A 210 0.48 1.17 15.62
N LEU A 211 1.09 2.08 14.87
CA LEU A 211 1.89 1.71 13.71
C LEU A 211 3.00 0.74 14.10
N LEU A 212 3.72 1.07 15.17
CA LEU A 212 4.83 0.25 15.63
C LEU A 212 4.37 -1.09 16.19
N GLU A 213 3.19 -1.11 16.80
CA GLU A 213 2.63 -2.36 17.28
C GLU A 213 2.24 -3.29 16.13
N VAL A 214 1.74 -2.70 15.06
CA VAL A 214 1.39 -3.46 13.86
C VAL A 214 2.64 -4.03 13.21
N VAL A 215 3.66 -3.20 13.07
CA VAL A 215 4.94 -3.62 12.51
C VAL A 215 5.56 -4.75 13.34
N ASP A 216 5.57 -4.59 14.65
CA ASP A 216 6.14 -5.59 15.55
C ASP A 216 5.38 -6.92 15.49
N ALA A 217 4.06 -6.84 15.42
CA ALA A 217 3.24 -8.05 15.31
C ALA A 217 3.49 -8.77 13.99
N VAL A 218 3.55 -8.02 12.90
CA VAL A 218 3.78 -8.61 11.57
C VAL A 218 5.19 -9.21 11.45
N ALA A 219 6.18 -8.49 11.98
CA ALA A 219 7.56 -8.94 11.88
C ALA A 219 7.80 -10.18 12.73
N GLU A 220 7.08 -10.29 13.83
CA GLU A 220 7.21 -11.46 14.70
C GLU A 220 6.69 -12.71 14.01
N GLU A 221 5.69 -12.55 13.15
CA GLU A 221 5.06 -13.67 12.47
C GLU A 221 5.85 -14.19 11.28
N ILE A 222 6.36 -13.27 10.46
CA ILE A 222 7.00 -13.68 9.19
C ILE A 222 8.44 -13.21 9.05
N GLY A 223 8.92 -12.45 10.03
CA GLY A 223 10.28 -11.96 9.99
C GLY A 223 10.40 -10.54 9.47
N ALA A 224 11.28 -9.77 10.10
CA ALA A 224 11.49 -8.38 9.73
C ALA A 224 12.00 -8.22 8.30
N GLY A 225 12.81 -9.18 7.84
CA GLY A 225 13.39 -9.13 6.51
C GLY A 225 12.40 -9.42 5.39
N ARG A 226 11.17 -9.74 5.77
CA ARG A 226 10.10 -9.96 4.81
C ARG A 226 8.97 -8.96 5.03
N THR A 227 9.27 -7.90 5.78
CA THR A 227 8.26 -6.91 6.15
C THR A 227 8.65 -5.52 5.69
N GLY A 228 7.73 -4.87 4.98
CA GLY A 228 7.92 -3.50 4.53
C GLY A 228 6.69 -2.68 4.85
N ILE A 229 6.76 -1.38 4.57
CA ILE A 229 5.68 -0.48 4.94
C ILE A 229 5.59 0.69 3.97
N ARG A 230 4.37 1.16 3.73
CA ARG A 230 4.14 2.30 2.85
C ARG A 230 3.67 3.52 3.66
N LEU A 231 4.32 4.65 3.40
CA LEU A 231 3.99 5.88 4.10
C LEU A 231 3.68 7.01 3.12
N SER A 232 2.88 7.98 3.55
CA SER A 232 2.59 9.16 2.75
C SER A 232 2.38 10.37 3.66
N PRO A 233 3.49 11.06 3.99
CA PRO A 233 3.55 12.14 4.98
C PRO A 233 2.57 13.29 4.74
N VAL A 234 2.44 13.71 3.49
CA VAL A 234 1.67 14.92 3.18
C VAL A 234 0.42 14.70 2.33
N THR A 235 0.00 13.44 2.18
CA THR A 235 -1.19 13.16 1.40
C THR A 235 -2.45 13.68 2.11
N PRO A 236 -3.38 14.25 1.35
CA PRO A 236 -4.64 14.73 1.91
C PRO A 236 -5.78 13.74 1.67
N ALA A 237 -5.43 12.55 1.16
CA ALA A 237 -6.41 11.55 0.78
C ALA A 237 -7.37 11.15 1.90
N ASN A 238 -8.64 11.02 1.55
CA ASN A 238 -9.69 10.59 2.48
C ASN A 238 -9.85 11.46 3.72
N ASP A 239 -9.93 12.77 3.50
CA ASP A 239 -10.35 13.74 4.52
C ASP A 239 -9.38 13.87 5.71
N ILE A 240 -8.15 13.40 5.53
CA ILE A 240 -7.15 13.44 6.60
C ILE A 240 -6.31 14.73 6.58
N PHE A 241 -6.01 15.26 7.76
CA PHE A 241 -5.13 16.42 7.89
C PHE A 241 -4.12 16.27 9.02
N GLU A 242 -2.89 16.72 8.78
CA GLU A 242 -1.85 16.76 9.81
C GLU A 242 -1.20 18.12 9.90
N ALA A 243 -1.23 18.72 11.09
CA ALA A 243 -0.66 20.04 11.30
C ALA A 243 0.86 20.06 11.10
N ASP A 244 1.57 19.20 11.82
CA ASP A 244 3.03 19.18 11.76
C ASP A 244 3.56 17.79 11.40
N PRO A 245 3.63 17.49 10.09
CA PRO A 245 4.04 16.17 9.61
C PRO A 245 5.51 15.84 9.87
N GLN A 246 6.39 16.84 9.80
CA GLN A 246 7.83 16.59 9.91
C GLN A 246 8.27 15.92 11.23
N PRO A 247 7.94 16.52 12.39
CA PRO A 247 8.39 15.89 13.64
C PRO A 247 7.72 14.54 13.85
N LEU A 248 6.47 14.41 13.39
CA LEU A 248 5.73 13.16 13.52
C LEU A 248 6.34 12.05 12.68
N TYR A 249 6.58 12.33 11.39
CA TYR A 249 7.13 11.32 10.48
C TYR A 249 8.62 11.05 10.65
N ASN A 250 9.39 12.06 11.10
CA ASN A 250 10.79 11.85 11.42
C ASN A 250 10.95 10.91 12.62
N TYR A 251 9.99 10.96 13.53
CA TYR A 251 10.00 10.08 14.69
C TYR A 251 9.66 8.65 14.31
N VAL A 252 8.69 8.50 13.40
CA VAL A 252 8.28 7.18 12.94
C VAL A 252 9.42 6.39 12.29
N VAL A 253 10.19 7.02 11.42
CA VAL A 253 11.29 6.33 10.71
C VAL A 253 12.50 6.04 11.60
N GLU A 254 12.72 6.86 12.63
CA GLU A 254 13.74 6.58 13.62
C GLU A 254 13.43 5.25 14.32
N GLN A 255 12.16 5.06 14.65
CA GLN A 255 11.71 3.83 15.27
C GLN A 255 11.79 2.67 14.29
N LEU A 256 11.50 2.95 13.02
CA LEU A 256 11.57 1.92 11.98
C LEU A 256 13.00 1.52 11.64
N GLY A 257 13.94 2.44 11.80
CA GLY A 257 15.34 2.18 11.52
C GLY A 257 15.94 1.15 12.46
N LYS A 258 15.31 0.97 13.61
CA LYS A 258 15.75 -0.02 14.58
C LYS A 258 15.12 -1.39 14.31
N ARG A 259 14.14 -1.42 13.42
CA ARG A 259 13.31 -2.62 13.24
C ARG A 259 13.84 -3.66 12.25
N ASN A 260 14.94 -3.36 11.58
CA ASN A 260 15.51 -4.28 10.58
C ASN A 260 14.53 -4.61 9.45
N LEU A 261 13.80 -3.61 8.98
CA LEU A 261 12.78 -3.81 7.96
C LEU A 261 13.36 -4.03 6.57
N ALA A 262 12.58 -4.67 5.70
CA ALA A 262 13.02 -4.96 4.34
C ALA A 262 13.01 -3.72 3.45
N PHE A 263 11.96 -2.91 3.54
CA PHE A 263 11.87 -1.71 2.73
C PHE A 263 10.91 -0.67 3.30
N ILE A 264 11.08 0.57 2.85
CA ILE A 264 10.18 1.67 3.19
C ILE A 264 9.68 2.29 1.90
N HIS A 265 8.38 2.15 1.64
CA HIS A 265 7.79 2.72 0.43
C HIS A 265 7.20 4.09 0.75
N VAL A 266 7.70 5.13 0.08
CA VAL A 266 7.33 6.51 0.40
C VAL A 266 6.62 7.22 -0.75
N VAL A 267 5.41 7.71 -0.49
CA VAL A 267 4.68 8.51 -1.46
C VAL A 267 5.08 9.98 -1.32
N GLU A 268 5.78 10.50 -2.32
CA GLU A 268 6.24 11.88 -2.27
C GLU A 268 5.21 12.84 -2.86
N GLY A 269 4.65 13.69 -2.01
CA GLY A 269 3.63 14.64 -2.42
C GLY A 269 2.24 14.06 -2.28
N ALA A 270 1.23 14.81 -2.72
CA ALA A 270 -0.15 14.34 -2.69
C ALA A 270 -0.28 13.13 -3.61
N THR A 271 -0.95 12.08 -3.12
CA THR A 271 -1.14 10.87 -3.91
C THR A 271 -2.00 11.20 -5.13
N GLY A 272 -1.42 11.01 -6.32
CA GLY A 272 -2.09 11.37 -7.56
C GLY A 272 -2.28 12.87 -7.63
N GLY A 273 -1.40 13.60 -6.95
CA GLY A 273 -1.45 15.04 -6.90
C GLY A 273 -0.06 15.63 -6.89
N PRO A 274 0.05 16.95 -6.72
CA PRO A 274 1.34 17.67 -6.76
C PRO A 274 2.35 17.12 -5.76
N ARG A 275 3.59 16.97 -6.21
CA ARG A 275 4.65 16.43 -5.37
C ARG A 275 5.09 17.40 -4.26
N ASP A 276 4.81 18.68 -4.46
CA ASP A 276 5.24 19.72 -3.53
C ASP A 276 4.17 20.03 -2.49
N PHE A 277 3.09 19.25 -2.51
CA PHE A 277 1.92 19.49 -1.66
C PHE A 277 2.26 19.56 -0.17
N LYS A 278 1.77 20.60 0.49
CA LYS A 278 1.92 20.73 1.93
C LYS A 278 0.59 20.99 2.62
N GLN A 279 0.28 20.20 3.64
CA GLN A 279 -0.94 20.39 4.42
C GLN A 279 -0.76 21.51 5.43
N GLY A 280 0.41 21.56 6.07
CA GLY A 280 0.68 22.54 7.10
C GLY A 280 1.27 23.83 6.58
N ASP A 281 1.88 24.58 7.50
CA ASP A 281 2.49 25.86 7.17
C ASP A 281 3.84 25.68 6.47
N LYS A 282 4.58 24.66 6.88
CA LYS A 282 5.90 24.41 6.32
C LYS A 282 5.97 23.15 5.46
N PRO A 283 6.71 23.24 4.34
CA PRO A 283 6.87 22.13 3.38
C PRO A 283 7.69 20.98 3.94
N PHE A 284 7.36 19.75 3.55
CA PHE A 284 8.03 18.56 4.03
C PHE A 284 9.42 18.41 3.42
N ASP A 285 10.40 18.02 4.24
CA ASP A 285 11.76 17.79 3.78
C ASP A 285 12.01 16.29 3.65
N TYR A 286 12.08 15.80 2.42
CA TYR A 286 12.23 14.37 2.17
C TYR A 286 13.65 13.86 2.41
N ALA A 287 14.64 14.72 2.18
CA ALA A 287 16.03 14.38 2.45
C ALA A 287 16.27 14.23 3.95
N SER A 288 15.65 15.10 4.73
CA SER A 288 15.70 15.03 6.20
C SER A 288 14.98 13.78 6.66
N PHE A 289 13.83 13.51 6.03
CA PHE A 289 13.01 12.35 6.33
C PHE A 289 13.78 11.04 6.13
N LYS A 290 14.48 10.92 4.99
CA LYS A 290 15.28 9.73 4.71
C LYS A 290 16.46 9.58 5.66
N ALA A 291 17.09 10.70 5.99
CA ALA A 291 18.25 10.71 6.87
C ALA A 291 17.90 10.26 8.29
N ALA A 292 16.68 10.58 8.74
CA ALA A 292 16.24 10.18 10.08
C ALA A 292 16.13 8.66 10.16
N TYR A 293 15.81 8.04 9.03
CA TYR A 293 15.79 6.59 8.91
C TYR A 293 17.21 6.02 8.88
N ARG A 294 18.05 6.56 8.00
CA ARG A 294 19.43 6.10 7.85
C ARG A 294 20.25 6.25 9.13
N ASN A 295 20.12 7.40 9.78
CA ASN A 295 20.86 7.67 11.01
C ASN A 295 20.48 6.74 12.17
N ALA A 296 19.23 6.28 12.18
CA ALA A 296 18.77 5.36 13.20
C ALA A 296 19.26 3.93 12.92
N GLY A 297 19.95 3.75 11.79
CA GLY A 297 20.47 2.45 11.42
C GLY A 297 19.64 1.68 10.41
N GLY A 298 18.74 2.39 9.73
CA GLY A 298 17.88 1.76 8.75
C GLY A 298 18.60 1.30 7.50
N LYS A 299 18.55 0.01 7.23
CA LYS A 299 19.22 -0.57 6.07
C LYS A 299 18.22 -1.00 5.01
N GLY A 300 16.94 -0.78 5.28
CA GLY A 300 15.89 -1.18 4.37
C GLY A 300 15.92 -0.43 3.05
N LEU A 301 15.47 -1.10 1.99
CA LEU A 301 15.46 -0.52 0.66
C LEU A 301 14.52 0.68 0.60
N TRP A 302 15.02 1.82 0.11
CA TRP A 302 14.23 3.03 0.05
C TRP A 302 13.52 3.16 -1.30
N ILE A 303 12.20 3.02 -1.29
CA ILE A 303 11.42 3.03 -2.52
C ILE A 303 10.54 4.28 -2.64
N ALA A 304 10.77 5.07 -3.68
CA ALA A 304 10.04 6.32 -3.88
C ALA A 304 8.92 6.17 -4.91
N ASN A 305 7.96 7.09 -4.88
CA ASN A 305 6.80 7.02 -5.75
C ASN A 305 6.16 8.38 -5.97
N ASN A 306 5.46 8.51 -7.09
CA ASN A 306 4.55 9.63 -7.43
C ASN A 306 5.12 10.64 -8.43
N GLY A 307 4.70 10.51 -9.69
CA GLY A 307 5.03 11.49 -10.70
C GLY A 307 6.38 11.26 -11.38
N TYR A 308 6.92 10.06 -11.23
CA TYR A 308 8.20 9.71 -11.84
C TYR A 308 8.07 9.36 -13.32
N ASP A 309 8.97 9.91 -14.13
CA ASP A 309 9.10 9.53 -15.53
C ASP A 309 10.40 8.74 -15.72
N ARG A 310 10.75 8.44 -16.97
CA ARG A 310 11.96 7.68 -17.23
C ARG A 310 13.22 8.43 -16.81
N GLN A 311 13.32 9.70 -17.21
CA GLN A 311 14.47 10.54 -16.87
C GLN A 311 14.61 10.76 -15.37
N SER A 312 13.51 11.09 -14.71
CA SER A 312 13.54 11.37 -13.28
C SER A 312 13.88 10.12 -12.46
N ALA A 313 13.37 8.97 -12.88
CA ALA A 313 13.62 7.72 -12.15
C ALA A 313 15.09 7.32 -12.25
N ILE A 314 15.67 7.53 -13.42
CA ILE A 314 17.07 7.18 -13.67
C ILE A 314 18.01 8.03 -12.83
N GLU A 315 17.76 9.35 -12.82
CA GLU A 315 18.60 10.27 -12.08
C GLU A 315 18.54 10.02 -10.57
N ALA A 316 17.35 9.70 -10.08
CA ALA A 316 17.15 9.48 -8.64
C ALA A 316 17.94 8.30 -8.10
N VAL A 317 17.97 7.21 -8.86
CA VAL A 317 18.70 6.01 -8.46
C VAL A 317 20.22 6.18 -8.61
N GLU A 318 20.64 6.78 -9.73
CA GLU A 318 22.05 7.02 -9.98
C GLU A 318 22.66 8.01 -8.97
N SER A 319 21.86 9.00 -8.57
CA SER A 319 22.30 9.98 -7.59
C SER A 319 22.24 9.38 -6.18
N GLY A 320 21.48 8.31 -6.03
CA GLY A 320 21.35 7.66 -4.74
C GLY A 320 20.37 8.35 -3.80
N LYS A 321 19.53 9.22 -4.34
CA LYS A 321 18.47 9.83 -3.55
C LYS A 321 17.49 8.75 -3.13
N VAL A 322 17.22 7.81 -4.04
CA VAL A 322 16.35 6.68 -3.75
C VAL A 322 17.05 5.38 -4.16
N ASP A 323 16.60 4.28 -3.56
CA ASP A 323 17.12 2.97 -3.93
C ASP A 323 16.38 2.41 -5.12
N ALA A 324 15.06 2.62 -5.15
CA ALA A 324 14.22 2.14 -6.25
C ALA A 324 13.06 3.10 -6.52
N VAL A 325 12.40 2.91 -7.65
CA VAL A 325 11.27 3.76 -8.04
C VAL A 325 10.02 2.94 -8.36
N ALA A 326 8.88 3.36 -7.83
CA ALA A 326 7.62 2.66 -8.07
C ALA A 326 6.69 3.46 -8.97
N PHE A 327 6.22 2.82 -10.04
CA PHE A 327 5.31 3.44 -10.99
C PHE A 327 3.92 2.83 -10.84
N GLY A 328 2.90 3.68 -10.82
CA GLY A 328 1.53 3.21 -10.68
C GLY A 328 0.78 3.19 -12.02
N LYS A 329 0.40 4.36 -12.50
CA LYS A 329 -0.38 4.48 -13.74
C LYS A 329 0.36 3.97 -14.96
N ALA A 330 1.70 4.05 -14.94
CA ALA A 330 2.51 3.59 -16.06
C ALA A 330 2.51 2.07 -16.18
N PHE A 331 2.45 1.39 -15.04
CA PHE A 331 2.38 -0.08 -15.03
C PHE A 331 0.99 -0.58 -15.39
N ILE A 332 -0.02 0.27 -15.21
CA ILE A 332 -1.37 -0.05 -15.66
C ILE A 332 -1.39 -0.11 -17.18
N ALA A 333 -0.80 0.91 -17.81
CA ALA A 333 -0.83 1.05 -19.26
C ALA A 333 0.19 0.17 -19.98
N ASN A 334 1.33 -0.09 -19.32
CA ASN A 334 2.39 -0.88 -19.93
C ASN A 334 2.75 -2.10 -19.10
N PRO A 335 2.35 -3.29 -19.56
CA PRO A 335 2.72 -4.51 -18.83
C PRO A 335 4.22 -4.77 -18.92
N ASP A 336 4.82 -4.42 -20.05
CA ASP A 336 6.23 -4.64 -20.28
C ASP A 336 7.03 -3.37 -20.05
N LEU A 337 6.68 -2.66 -18.97
CA LEU A 337 7.28 -1.36 -18.69
C LEU A 337 8.80 -1.43 -18.52
N VAL A 338 9.27 -2.50 -17.91
CA VAL A 338 10.71 -2.66 -17.66
C VAL A 338 11.50 -2.69 -18.97
N ARG A 339 11.00 -3.44 -19.94
CA ARG A 339 11.68 -3.56 -21.23
C ARG A 339 11.64 -2.25 -22.03
N ARG A 340 10.53 -1.54 -21.95
CA ARG A 340 10.38 -0.26 -22.66
C ARG A 340 11.34 0.80 -22.13
N LEU A 341 11.45 0.90 -20.81
CA LEU A 341 12.32 1.89 -20.19
C LEU A 341 13.79 1.68 -20.56
N LYS A 342 14.21 0.42 -20.61
CA LYS A 342 15.58 0.09 -20.97
C LYS A 342 15.87 0.46 -22.42
N ASN A 343 14.86 0.27 -23.28
CA ASN A 343 14.97 0.56 -24.70
C ASN A 343 14.73 2.02 -25.07
N ASP A 344 14.22 2.79 -24.11
CA ASP A 344 13.79 4.18 -24.35
C ASP A 344 12.64 4.23 -25.37
N ALA A 345 11.86 3.15 -25.40
CA ALA A 345 10.73 3.04 -26.32
C ALA A 345 9.53 3.84 -25.81
N PRO A 346 8.67 4.29 -26.73
CA PRO A 346 7.46 5.05 -26.39
C PRO A 346 6.48 4.24 -25.55
N LEU A 347 5.74 4.92 -24.68
CA LEU A 347 4.90 4.25 -23.69
C LEU A 347 3.41 4.38 -23.99
N ASN A 348 2.66 3.30 -23.74
CA ASN A 348 1.21 3.32 -23.83
C ASN A 348 0.64 4.30 -22.82
N ALA A 349 -0.52 4.87 -23.14
CA ALA A 349 -1.19 5.79 -22.23
C ALA A 349 -2.35 5.10 -21.53
N PRO A 350 -2.47 5.32 -20.21
CA PRO A 350 -3.54 4.70 -19.42
C PRO A 350 -4.89 5.33 -19.69
N ASN A 351 -5.95 4.54 -19.56
CA ASN A 351 -7.31 5.02 -19.76
C ASN A 351 -8.05 5.15 -18.42
N GLN A 352 -8.22 6.38 -17.96
CA GLN A 352 -8.86 6.69 -16.68
C GLN A 352 -10.20 5.98 -16.40
N PRO A 353 -11.13 5.97 -17.38
CA PRO A 353 -12.44 5.33 -17.13
C PRO A 353 -12.37 3.84 -16.78
N THR A 354 -11.32 3.16 -17.21
CA THR A 354 -11.21 1.71 -16.96
C THR A 354 -10.31 1.34 -15.78
N PHE A 355 -9.96 2.32 -14.95
CA PHE A 355 -9.12 2.09 -13.78
C PHE A 355 -9.79 1.20 -12.74
N TYR A 356 -11.08 1.42 -12.49
CA TYR A 356 -11.81 0.68 -11.46
C TYR A 356 -13.00 -0.07 -12.04
N GLY A 357 -13.20 -1.31 -11.58
CA GLY A 357 -14.31 -2.13 -12.02
C GLY A 357 -14.24 -2.51 -13.49
N GLY A 358 -15.08 -3.47 -13.87
CA GLY A 358 -15.14 -3.91 -15.25
C GLY A 358 -14.48 -5.25 -15.50
N GLY A 359 -14.01 -5.45 -16.73
CA GLY A 359 -13.39 -6.70 -17.11
C GLY A 359 -12.01 -6.57 -17.71
N ALA A 360 -11.77 -7.31 -18.79
CA ALA A 360 -10.46 -7.34 -19.44
C ALA A 360 -10.05 -6.00 -20.04
N GLU A 361 -11.03 -5.23 -20.53
CA GLU A 361 -10.74 -3.96 -21.17
C GLU A 361 -10.15 -2.95 -20.19
N GLY A 362 -8.98 -2.42 -20.55
CA GLY A 362 -8.27 -1.48 -19.69
C GLY A 362 -7.61 -2.17 -18.53
N TYR A 363 -7.38 -3.47 -18.67
CA TYR A 363 -6.85 -4.28 -17.58
C TYR A 363 -5.80 -5.26 -18.11
N THR A 364 -6.24 -6.24 -18.88
CA THR A 364 -5.32 -7.22 -19.46
C THR A 364 -5.12 -7.03 -20.96
N ASP A 365 -5.78 -6.04 -21.54
CA ASP A 365 -5.74 -5.85 -22.99
C ASP A 365 -4.76 -4.78 -23.46
N TYR A 366 -3.94 -4.27 -22.55
CA TYR A 366 -2.86 -3.35 -22.92
C TYR A 366 -1.75 -4.11 -23.64
N PRO A 367 -1.34 -3.62 -24.82
CA PRO A 367 -0.37 -4.31 -25.66
C PRO A 367 1.07 -4.18 -25.18
N ALA A 368 1.82 -5.27 -25.22
CA ALA A 368 3.24 -5.23 -24.92
C ALA A 368 4.01 -4.81 -26.17
N LEU A 369 5.34 -4.77 -26.06
CA LEU A 369 6.18 -4.41 -27.20
C LEU A 369 6.23 -5.53 -28.23
N ALA A 370 6.65 -5.18 -29.44
CA ALA A 370 6.78 -6.14 -30.53
C ALA A 370 7.83 -7.21 -30.19
N1 FMN B . -1.88 3.24 -3.45
C2 FMN B . -1.82 2.29 -2.45
O2 FMN B . -1.02 2.40 -1.52
N3 FMN B . -2.65 1.19 -2.49
C4 FMN B . -3.56 1.04 -3.52
O4 FMN B . -4.29 0.05 -3.55
C4A FMN B . -3.64 2.02 -4.52
N5 FMN B . -4.53 1.91 -5.56
C5A FMN B . -4.51 2.79 -6.62
C6 FMN B . -5.34 2.58 -7.72
C7 FMN B . -5.31 3.46 -8.80
C7M FMN B . -6.20 3.22 -9.98
C8 FMN B . -4.45 4.56 -8.77
C8M FMN B . -4.43 5.51 -9.93
C9 FMN B . -3.63 4.77 -7.66
C9A FMN B . -3.65 3.88 -6.59
N10 FMN B . -2.81 4.05 -5.49
C10 FMN B . -2.79 3.11 -4.47
C1' FMN B . -1.66 5.00 -5.53
C2' FMN B . -0.53 4.48 -6.41
O2' FMN B . 0.02 3.31 -5.84
C3' FMN B . 0.57 5.52 -6.55
O3' FMN B . 0.84 6.11 -5.30
C4' FMN B . 0.26 6.63 -7.55
O4' FMN B . -1.00 7.24 -7.35
C5' FMN B . 0.34 6.08 -8.97
O5' FMN B . 0.70 7.16 -9.81
P FMN B . 2.25 7.36 -10.17
O1P FMN B . 2.69 6.32 -11.17
O2P FMN B . 3.07 7.23 -8.91
O3P FMN B . 2.40 8.73 -10.77
C1 1L5 C . -7.09 3.17 -2.97
C2 1L5 C . -8.38 3.48 -3.68
C3 1L5 C . -8.56 4.73 -4.27
C4 1L5 C . -9.74 5.05 -4.94
C5 1L5 C . -10.75 4.10 -5.05
C6 1L5 C . -10.56 2.85 -4.47
C7 1L5 C . -9.38 2.53 -3.80
C8 1L5 C . -6.31 4.20 -2.62
O1 1L5 C . -4.27 4.76 -2.50
N 1L5 C . -5.18 4.10 -2.05
O 1L5 C . -4.91 3.32 -0.92
C 1L5 C . -6.68 1.77 -2.62
S DMS D . -9.12 -19.35 -18.28
O DMS D . -9.90 -20.30 -19.59
C1 DMS D . -8.65 -17.71 -18.95
C2 DMS D . -10.35 -18.83 -17.05
S DMS E . -6.86 -17.80 6.71
O DMS E . -8.57 -17.97 6.18
C1 DMS E . -6.54 -16.09 7.21
C2 DMS E . -6.62 -18.63 8.30
#